data_9KYS
#
_entry.id   9KYS
#
_cell.length_a   37.662
_cell.length_b   76.786
_cell.length_c   130.170
_cell.angle_alpha   90.00
_cell.angle_beta   90.00
_cell.angle_gamma   90.00
#
_symmetry.space_group_name_H-M   'P 21 21 21'
#
loop_
_entity.id
_entity.type
_entity.pdbx_description
1 polymer Calmodulin-1
2 polymer 'Peripheral plasma membrane protein CASK'
3 non-polymer 'CALCIUM ION'
4 water water
#
loop_
_entity_poly.entity_id
_entity_poly.type
_entity_poly.pdbx_seq_one_letter_code
_entity_poly.pdbx_strand_id
1 'polypeptide(L)'
;GPGSMADQLTEEQIAEFKEAFSLFDKDGDGTITTKELGTVMRSLGQNPTEAELQDMINEVDADGNGTIDFPEFLTMMARK
MKDTDSEEEIREAFRVFDKDGNGYISAAELRHVMTNLGEKLTDEEVDEMIREADIDGDGQVNYEEFVQMMTAK
;
A,C
2 'polypeptide(L)' GPGSEFHLPETVEQLRKFNARRKLKGAVLAAVSSHKFNSFYGDPPEELPDFS B,D
#
loop_
_chem_comp.id
_chem_comp.type
_chem_comp.name
_chem_comp.formula
CA non-polymer 'CALCIUM ION' 'Ca 2'
#
# COMPACT_ATOMS: atom_id res chain seq x y z
N ALA A 6 -5.78 -11.64 -7.35
CA ALA A 6 -6.94 -11.76 -8.23
C ALA A 6 -7.45 -10.38 -8.63
N ASP A 7 -7.66 -9.51 -7.64
CA ASP A 7 -8.06 -8.12 -7.86
C ASP A 7 -6.85 -7.25 -7.56
N GLN A 8 -6.33 -6.58 -8.59
CA GLN A 8 -5.20 -5.68 -8.38
C GLN A 8 -5.60 -4.48 -7.52
N LEU A 9 -4.62 -3.96 -6.78
CA LEU A 9 -4.77 -2.78 -5.96
C LEU A 9 -4.10 -1.61 -6.65
N THR A 10 -4.88 -0.62 -7.07
CA THR A 10 -4.24 0.47 -7.76
C THR A 10 -3.62 1.45 -6.76
N GLU A 11 -2.73 2.29 -7.28
CA GLU A 11 -2.15 3.37 -6.49
C GLU A 11 -3.23 4.28 -5.92
N GLU A 12 -4.21 4.65 -6.73
CA GLU A 12 -5.25 5.54 -6.19
C GLU A 12 -6.07 4.81 -5.11
N GLN A 13 -6.37 3.53 -5.31
CA GLN A 13 -7.05 2.77 -4.25
C GLN A 13 -6.23 2.76 -2.97
N ILE A 14 -4.90 2.63 -3.09
CA ILE A 14 -4.07 2.63 -1.90
C ILE A 14 -4.10 4.00 -1.22
N ALA A 15 -4.13 5.07 -2.01
CA ALA A 15 -4.24 6.41 -1.46
C ALA A 15 -5.57 6.60 -0.74
N GLU A 16 -6.64 6.01 -1.27
CA GLU A 16 -7.93 6.11 -0.58
C GLU A 16 -7.89 5.38 0.75
N PHE A 17 -7.30 4.16 0.76
CA PHE A 17 -7.16 3.47 2.02
C PHE A 17 -6.28 4.26 2.98
N LYS A 18 -5.25 4.95 2.45
CA LYS A 18 -4.38 5.76 3.29
C LYS A 18 -5.12 6.94 3.91
N GLU A 19 -6.02 7.56 3.15
CA GLU A 19 -6.85 8.61 3.72
C GLU A 19 -7.71 8.05 4.88
N ALA A 20 -8.35 6.90 4.67
CA ALA A 20 -9.14 6.30 5.76
C ALA A 20 -8.26 6.02 6.98
N PHE A 21 -7.07 5.42 6.74
CA PHE A 21 -6.15 5.15 7.83
C PHE A 21 -5.82 6.42 8.60
N SER A 22 -5.57 7.54 7.90
CA SER A 22 -5.21 8.76 8.59
C SER A 22 -6.36 9.32 9.43
N LEU A 23 -7.60 9.00 9.04
CA LEU A 23 -8.74 9.41 9.89
C LEU A 23 -8.73 8.66 11.21
N PHE A 24 -8.24 7.41 11.23
CA PHE A 24 -8.04 6.77 12.53
C PHE A 24 -6.76 7.24 13.24
N ASP A 25 -5.65 7.34 12.52
CA ASP A 25 -4.34 7.67 13.11
C ASP A 25 -4.23 9.19 13.22
N LYS A 26 -4.96 9.76 14.18
CA LYS A 26 -5.12 11.20 14.22
C LYS A 26 -3.84 11.91 14.66
N ASP A 27 -2.98 11.22 15.42
CA ASP A 27 -1.70 11.82 15.77
C ASP A 27 -0.63 11.54 14.72
N GLY A 28 -0.97 10.83 13.65
CA GLY A 28 -0.07 10.65 12.52
C GLY A 28 1.23 9.95 12.83
N ASP A 29 1.24 9.02 13.76
CA ASP A 29 2.47 8.28 14.08
C ASP A 29 2.56 6.97 13.32
N GLY A 30 1.67 6.73 12.37
CA GLY A 30 1.73 5.55 11.55
C GLY A 30 1.06 4.34 12.17
N THR A 31 0.45 4.47 13.34
CA THR A 31 -0.21 3.32 13.95
C THR A 31 -1.56 3.75 14.50
N ILE A 32 -2.50 2.81 14.53
CA ILE A 32 -3.80 3.00 15.16
C ILE A 32 -3.77 2.26 16.49
N THR A 33 -3.98 2.98 17.58
CA THR A 33 -4.08 2.40 18.92
C THR A 33 -5.54 2.07 19.25
N THR A 34 -5.73 1.33 20.35
CA THR A 34 -7.09 1.07 20.83
C THR A 34 -7.81 2.37 21.14
N LYS A 35 -7.09 3.34 21.71
CA LYS A 35 -7.69 4.62 22.05
C LYS A 35 -8.14 5.38 20.81
N GLU A 36 -7.31 5.40 19.76
CA GLU A 36 -7.71 6.07 18.52
C GLU A 36 -8.87 5.36 17.85
N LEU A 37 -8.88 4.03 17.89
CA LEU A 37 -10.03 3.31 17.37
C LEU A 37 -11.30 3.69 18.11
N GLY A 38 -11.22 3.78 19.44
CA GLY A 38 -12.37 4.18 20.23
C GLY A 38 -12.86 5.56 19.85
N THR A 39 -11.92 6.50 19.67
CA THR A 39 -12.29 7.85 19.22
C THR A 39 -13.10 7.81 17.93
N VAL A 40 -12.60 7.09 16.92
CA VAL A 40 -13.31 7.09 15.64
C VAL A 40 -14.66 6.40 15.78
N MET A 41 -14.69 5.24 16.42
CA MET A 41 -15.96 4.53 16.51
C MET A 41 -17.01 5.35 17.26
N ARG A 42 -16.63 6.04 18.33
CA ARG A 42 -17.60 6.90 19.02
C ARG A 42 -18.03 8.07 18.16
N SER A 43 -17.11 8.65 17.39
CA SER A 43 -17.50 9.76 16.51
C SER A 43 -18.46 9.28 15.43
N LEU A 44 -18.46 7.98 15.12
CA LEU A 44 -19.39 7.42 14.14
C LEU A 44 -20.62 6.79 14.81
N GLY A 45 -20.86 7.07 16.08
CA GLY A 45 -22.11 6.69 16.69
C GLY A 45 -22.11 5.35 17.39
N GLN A 46 -20.96 4.78 17.67
CA GLN A 46 -20.85 3.55 18.41
C GLN A 46 -20.31 3.81 19.80
N ASN A 47 -20.38 2.80 20.66
CA ASN A 47 -19.86 2.91 22.03
C ASN A 47 -19.24 1.59 22.45
N PRO A 48 -18.10 1.22 21.83
CA PRO A 48 -17.44 -0.04 22.18
C PRO A 48 -16.81 0.00 23.56
N THR A 49 -16.85 -1.13 24.26
CA THR A 49 -16.13 -1.26 25.52
C THR A 49 -14.63 -1.39 25.28
N GLU A 50 -13.86 -1.29 26.36
CA GLU A 50 -12.43 -1.44 26.24
C GLU A 50 -12.04 -2.83 25.78
N ALA A 51 -12.73 -3.86 26.31
CA ALA A 51 -12.46 -5.22 25.88
C ALA A 51 -12.77 -5.42 24.41
N GLU A 52 -13.89 -4.84 23.95
CA GLU A 52 -14.23 -4.94 22.53
C GLU A 52 -13.18 -4.26 21.67
N LEU A 53 -12.71 -3.08 22.10
CA LEU A 53 -11.68 -2.39 21.33
C LEU A 53 -10.38 -3.19 21.28
N GLN A 54 -10.01 -3.81 22.40
CA GLN A 54 -8.82 -4.63 22.41
C GLN A 54 -8.97 -5.83 21.48
N ASP A 55 -10.16 -6.44 21.46
CA ASP A 55 -10.42 -7.57 20.57
C ASP A 55 -10.32 -7.14 19.11
N MET A 56 -10.87 -5.97 18.79
CA MET A 56 -10.83 -5.44 17.43
C MET A 56 -9.41 -5.22 16.96
N ILE A 57 -8.61 -4.56 17.80
CA ILE A 57 -7.21 -4.36 17.47
C ILE A 57 -6.51 -5.70 17.29
N ASN A 58 -6.75 -6.65 18.21
CA ASN A 58 -6.07 -7.93 18.15
C ASN A 58 -6.40 -8.71 16.89
N GLU A 59 -7.62 -8.58 16.38
CA GLU A 59 -7.99 -9.30 15.17
C GLU A 59 -7.15 -8.86 13.97
N VAL A 60 -6.83 -7.56 13.89
CA VAL A 60 -6.13 -6.97 12.75
C VAL A 60 -4.62 -6.84 12.96
N ASP A 61 -4.14 -6.93 14.20
CA ASP A 61 -2.73 -6.73 14.55
C ASP A 61 -1.94 -7.98 14.20
N ALA A 62 -1.60 -8.11 12.91
CA ALA A 62 -1.01 -9.37 12.43
C ALA A 62 0.32 -9.68 13.10
N ASP A 63 1.13 -8.65 13.40
CA ASP A 63 2.42 -8.95 13.99
C ASP A 63 2.40 -8.92 15.52
N GLY A 64 1.22 -8.70 16.12
CA GLY A 64 1.08 -8.84 17.55
C GLY A 64 1.76 -7.80 18.38
N ASN A 65 2.10 -6.64 17.81
CA ASN A 65 2.83 -5.62 18.55
C ASN A 65 1.93 -4.62 19.27
N GLY A 66 0.61 -4.76 19.19
CA GLY A 66 -0.29 -3.96 20.00
C GLY A 66 -1.00 -2.85 19.29
N THR A 67 -0.60 -2.51 18.06
CA THR A 67 -1.24 -1.46 17.28
C THR A 67 -1.41 -1.93 15.84
N ILE A 68 -2.18 -1.17 15.08
CA ILE A 68 -2.44 -1.47 13.67
C ILE A 68 -1.61 -0.51 12.83
N ASP A 69 -0.69 -1.05 12.01
CA ASP A 69 0.05 -0.19 11.09
C ASP A 69 -0.64 -0.17 9.72
N PHE A 70 -0.10 0.62 8.76
CA PHE A 70 -0.83 0.69 7.50
C PHE A 70 -0.85 -0.64 6.73
N PRO A 71 0.24 -1.43 6.67
CA PRO A 71 0.10 -2.72 5.98
C PRO A 71 -0.99 -3.61 6.58
N GLU A 72 -1.15 -3.60 7.91
CA GLU A 72 -2.21 -4.39 8.56
C GLU A 72 -3.59 -3.85 8.22
N PHE A 73 -3.73 -2.53 8.27
CA PHE A 73 -5.00 -1.91 7.91
C PHE A 73 -5.37 -2.21 6.46
N LEU A 74 -4.39 -2.12 5.56
CA LEU A 74 -4.64 -2.39 4.15
C LEU A 74 -5.02 -3.84 3.93
N THR A 75 -4.35 -4.78 4.62
CA THR A 75 -4.73 -6.18 4.54
C THR A 75 -6.19 -6.35 4.94
N MET A 76 -6.58 -5.72 6.05
CA MET A 76 -7.99 -5.80 6.49
C MET A 76 -8.94 -5.22 5.43
N MET A 77 -8.60 -4.04 4.92
CA MET A 77 -9.54 -3.33 4.06
C MET A 77 -9.61 -3.89 2.64
N ALA A 78 -8.52 -4.47 2.14
CA ALA A 78 -8.53 -4.99 0.78
C ALA A 78 -8.91 -6.45 0.71
N ARG A 79 -9.24 -7.06 1.86
CA ARG A 79 -9.60 -8.47 1.92
C ARG A 79 -10.76 -8.76 0.98
N LYS A 80 -10.61 -9.81 0.18
CA LYS A 80 -11.65 -10.18 -0.77
C LYS A 80 -12.92 -10.58 -0.03
N MET A 81 -14.04 -9.95 -0.41
CA MET A 81 -15.31 -10.16 0.25
C MET A 81 -16.30 -10.79 -0.72
N LYS A 82 -17.24 -11.55 -0.15
CA LYS A 82 -18.43 -11.95 -0.90
C LYS A 82 -19.22 -10.70 -1.28
N ASP A 83 -19.99 -10.82 -2.37
CA ASP A 83 -20.74 -9.67 -2.87
C ASP A 83 -21.78 -9.21 -1.84
N THR A 84 -22.43 -10.16 -1.15
CA THR A 84 -23.41 -9.81 -0.12
C THR A 84 -22.77 -9.02 1.01
N ASP A 85 -21.58 -9.43 1.44
CA ASP A 85 -20.92 -8.79 2.58
C ASP A 85 -20.42 -7.40 2.20
N SER A 86 -19.91 -7.25 0.99
CA SER A 86 -19.48 -5.93 0.51
C SER A 86 -20.67 -4.99 0.40
N GLU A 87 -21.80 -5.51 -0.11
CA GLU A 87 -23.01 -4.71 -0.20
C GLU A 87 -23.49 -4.29 1.19
N GLU A 88 -23.48 -5.21 2.15
CA GLU A 88 -23.88 -4.88 3.52
C GLU A 88 -22.98 -3.81 4.13
N GLU A 89 -21.66 -3.92 3.91
CA GLU A 89 -20.73 -2.89 4.40
C GLU A 89 -21.11 -1.52 3.86
N ILE A 90 -21.36 -1.45 2.55
CA ILE A 90 -21.64 -0.16 1.92
C ILE A 90 -22.97 0.39 2.41
N ARG A 91 -23.95 -0.49 2.63
CA ARG A 91 -25.24 -0.02 3.16
C ARG A 91 -25.10 0.60 4.55
N GLU A 92 -24.35 -0.06 5.44
CA GLU A 92 -24.16 0.52 6.78
C GLU A 92 -23.38 1.84 6.72
N ALA A 93 -22.39 1.93 5.83
CA ALA A 93 -21.67 3.19 5.71
C ALA A 93 -22.61 4.31 5.22
N PHE A 94 -23.48 3.99 4.27
CA PHE A 94 -24.48 4.96 3.82
C PHE A 94 -25.34 5.45 4.98
N ARG A 95 -25.79 4.51 5.83
CA ARG A 95 -26.61 4.92 6.95
C ARG A 95 -25.84 5.85 7.89
N VAL A 96 -24.52 5.67 7.98
CA VAL A 96 -23.71 6.59 8.77
C VAL A 96 -23.83 8.01 8.22
N PHE A 97 -23.80 8.15 6.89
CA PHE A 97 -23.85 9.53 6.39
C PHE A 97 -25.27 10.09 6.32
N ASP A 98 -26.25 9.28 5.96
CA ASP A 98 -27.64 9.72 5.76
C ASP A 98 -28.35 9.75 7.12
N LYS A 99 -28.02 10.78 7.91
CA LYS A 99 -28.43 10.78 9.32
C LYS A 99 -29.93 10.89 9.51
N ASP A 100 -30.63 11.60 8.62
CA ASP A 100 -32.07 11.68 8.79
C ASP A 100 -32.81 10.52 8.12
N GLY A 101 -32.09 9.61 7.47
CA GLY A 101 -32.69 8.43 6.93
C GLY A 101 -33.58 8.64 5.72
N ASN A 102 -33.50 9.79 5.07
CA ASN A 102 -34.42 10.04 3.97
C ASN A 102 -33.92 9.50 2.64
N GLY A 103 -32.77 8.83 2.65
CA GLY A 103 -32.22 8.21 1.46
C GLY A 103 -31.33 9.12 0.64
N TYR A 104 -31.05 10.33 1.11
CA TYR A 104 -30.23 11.27 0.36
C TYR A 104 -29.21 11.86 1.31
N ILE A 105 -27.91 11.77 0.97
CA ILE A 105 -26.91 12.45 1.76
C ILE A 105 -26.82 13.88 1.25
N SER A 106 -27.19 14.84 2.09
CA SER A 106 -27.05 16.25 1.76
C SER A 106 -25.62 16.74 2.04
N ALA A 107 -25.29 17.93 1.50
CA ALA A 107 -24.04 18.56 1.85
C ALA A 107 -23.93 18.79 3.36
N ALA A 108 -25.03 19.18 4.00
CA ALA A 108 -25.00 19.38 5.45
C ALA A 108 -24.70 18.08 6.17
N GLU A 109 -25.30 16.97 5.74
CA GLU A 109 -25.03 15.68 6.38
C GLU A 109 -23.57 15.28 6.20
N LEU A 110 -23.03 15.51 5.00
CA LEU A 110 -21.62 15.17 4.77
C LEU A 110 -20.70 16.05 5.62
N ARG A 111 -20.98 17.34 5.68
CA ARG A 111 -20.15 18.21 6.51
C ARG A 111 -20.20 17.77 7.96
N HIS A 112 -21.36 17.32 8.43
CA HIS A 112 -21.49 16.85 9.80
C HIS A 112 -20.59 15.64 10.05
N VAL A 113 -20.63 14.66 9.14
CA VAL A 113 -19.79 13.47 9.35
C VAL A 113 -18.32 13.84 9.28
N MET A 114 -17.95 14.70 8.34
CA MET A 114 -16.53 15.07 8.22
C MET A 114 -16.06 15.83 9.45
N THR A 115 -16.91 16.70 10.00
CA THR A 115 -16.57 17.39 11.24
C THR A 115 -16.43 16.40 12.40
N ASN A 116 -17.34 15.41 12.48
CA ASN A 116 -17.23 14.41 13.53
C ASN A 116 -15.92 13.63 13.44
N LEU A 117 -15.43 13.40 12.22
CA LEU A 117 -14.17 12.67 12.00
C LEU A 117 -12.93 13.51 12.25
N GLY A 118 -13.10 14.80 12.57
CA GLY A 118 -12.01 15.70 12.87
C GLY A 118 -11.50 16.52 11.70
N GLU A 119 -12.21 16.50 10.57
CA GLU A 119 -11.76 17.19 9.37
C GLU A 119 -12.48 18.53 9.29
N LYS A 120 -11.74 19.57 9.00
CA LYS A 120 -12.32 20.90 8.82
C LYS A 120 -12.22 21.23 7.34
N LEU A 121 -13.33 21.13 6.64
CA LEU A 121 -13.37 21.38 5.21
C LEU A 121 -14.23 22.61 4.97
N THR A 122 -13.85 23.38 3.95
CA THR A 122 -14.66 24.53 3.60
C THR A 122 -15.95 24.10 2.93
N ASP A 123 -16.91 25.02 2.89
CA ASP A 123 -18.17 24.71 2.22
C ASP A 123 -17.91 24.27 0.78
N GLU A 124 -16.98 24.95 0.10
CA GLU A 124 -16.67 24.62 -1.29
C GLU A 124 -16.08 23.22 -1.40
N GLU A 125 -15.25 22.83 -0.43
CA GLU A 125 -14.65 21.49 -0.51
C GLU A 125 -15.72 20.42 -0.31
N VAL A 126 -16.65 20.67 0.61
CA VAL A 126 -17.76 19.72 0.81
C VAL A 126 -18.61 19.64 -0.45
N ASP A 127 -18.92 20.78 -1.07
CA ASP A 127 -19.70 20.74 -2.29
C ASP A 127 -18.97 19.99 -3.39
N GLU A 128 -17.65 20.14 -3.47
CA GLU A 128 -16.91 19.40 -4.49
C GLU A 128 -16.96 17.89 -4.24
N MET A 129 -16.91 17.47 -2.98
CA MET A 129 -17.03 16.05 -2.66
C MET A 129 -18.40 15.50 -3.09
N ILE A 130 -19.46 16.26 -2.75
CA ILE A 130 -20.80 15.88 -3.21
C ILE A 130 -20.80 15.73 -4.72
N ARG A 131 -20.23 16.72 -5.42
CA ARG A 131 -20.25 16.70 -6.88
C ARG A 131 -19.56 15.45 -7.41
N GLU A 132 -18.48 15.01 -6.73
CA GLU A 132 -17.77 13.81 -7.16
C GLU A 132 -18.71 12.61 -7.19
N ALA A 133 -19.65 12.52 -6.21
CA ALA A 133 -20.52 11.33 -6.23
C ALA A 133 -21.90 11.56 -6.87
N ASP A 134 -22.30 12.80 -7.12
CA ASP A 134 -23.68 13.16 -7.47
C ASP A 134 -23.94 13.08 -8.97
N ILE A 135 -24.42 11.93 -9.43
CA ILE A 135 -24.66 11.72 -10.86
C ILE A 135 -25.95 12.39 -11.32
N ASP A 136 -27.07 12.21 -10.61
CA ASP A 136 -28.29 12.82 -11.14
C ASP A 136 -28.34 14.32 -10.93
N GLY A 137 -27.40 14.91 -10.20
CA GLY A 137 -27.29 16.36 -10.13
C GLY A 137 -28.21 17.05 -9.18
N ASP A 138 -28.82 16.34 -8.25
CA ASP A 138 -29.70 17.01 -7.32
C ASP A 138 -28.95 17.63 -6.17
N GLY A 139 -27.61 17.61 -6.21
CA GLY A 139 -26.87 18.15 -5.10
C GLY A 139 -26.78 17.24 -3.90
N GLN A 140 -27.16 15.97 -4.04
CA GLN A 140 -27.17 15.02 -2.95
C GLN A 140 -26.66 13.68 -3.46
N VAL A 141 -26.30 12.80 -2.56
CA VAL A 141 -25.83 11.47 -2.94
C VAL A 141 -26.85 10.45 -2.46
N ASN A 142 -27.57 9.82 -3.39
CA ASN A 142 -28.50 8.78 -2.99
C ASN A 142 -27.78 7.43 -2.94
N TYR A 143 -28.52 6.38 -2.60
CA TYR A 143 -27.85 5.09 -2.36
C TYR A 143 -27.25 4.54 -3.65
N GLU A 144 -27.97 4.63 -4.77
CA GLU A 144 -27.42 4.16 -6.04
C GLU A 144 -26.11 4.86 -6.38
N GLU A 145 -26.04 6.18 -6.15
CA GLU A 145 -24.81 6.92 -6.45
C GLU A 145 -23.69 6.54 -5.48
N PHE A 146 -24.02 6.34 -4.20
CA PHE A 146 -23.04 5.90 -3.20
C PHE A 146 -22.43 4.56 -3.60
N VAL A 147 -23.28 3.61 -4.00
CA VAL A 147 -22.81 2.29 -4.41
C VAL A 147 -21.94 2.40 -5.65
N GLN A 148 -22.39 3.17 -6.65
CA GLN A 148 -21.61 3.31 -7.87
C GLN A 148 -20.24 3.96 -7.60
N MET A 149 -20.18 4.89 -6.65
CA MET A 149 -18.88 5.49 -6.34
C MET A 149 -17.96 4.49 -5.65
N MET A 150 -18.49 3.70 -4.71
CA MET A 150 -17.62 2.80 -3.94
C MET A 150 -17.24 1.54 -4.69
N THR A 151 -17.98 1.19 -5.74
CA THR A 151 -17.72 0.01 -6.55
C THR A 151 -17.33 0.46 -7.96
N ALA A 152 -16.17 1.09 -8.07
CA ALA A 152 -15.71 1.65 -9.35
C ALA A 152 -14.30 1.21 -9.69
N ARG B 16 -1.11 21.74 -2.58
CA ARG B 16 -1.59 20.95 -3.71
C ARG B 16 -3.09 21.17 -3.92
N LYS B 17 -3.62 20.63 -5.01
CA LYS B 17 -5.03 20.77 -5.32
C LYS B 17 -5.82 19.77 -4.49
N PHE B 18 -6.93 20.23 -3.93
CA PHE B 18 -7.78 19.36 -3.13
C PHE B 18 -8.32 18.23 -3.98
N ASN B 19 -8.15 16.99 -3.51
CA ASN B 19 -8.61 15.81 -4.24
C ASN B 19 -9.92 15.39 -3.57
N ALA B 20 -11.02 15.90 -4.13
CA ALA B 20 -12.32 15.69 -3.51
C ALA B 20 -12.72 14.21 -3.50
N ARG B 21 -12.44 13.51 -4.59
CA ARG B 21 -12.84 12.11 -4.65
C ARG B 21 -12.09 11.27 -3.63
N ARG B 22 -10.78 11.49 -3.50
CA ARG B 22 -10.02 10.77 -2.49
C ARG B 22 -10.50 11.10 -1.09
N LYS B 23 -10.84 12.37 -0.82
CA LYS B 23 -11.34 12.72 0.50
C LYS B 23 -12.63 12.00 0.83
N LEU B 24 -13.57 12.03 -0.12
CA LEU B 24 -14.86 11.40 0.12
C LEU B 24 -14.72 9.89 0.25
N LYS B 25 -13.97 9.27 -0.66
CA LYS B 25 -13.84 7.82 -0.59
C LYS B 25 -13.09 7.39 0.66
N GLY B 26 -12.09 8.15 1.09
CA GLY B 26 -11.42 7.84 2.34
C GLY B 26 -12.34 7.91 3.54
N ALA B 27 -13.20 8.94 3.60
CA ALA B 27 -14.16 8.99 4.70
C ALA B 27 -15.16 7.82 4.65
N VAL B 28 -15.66 7.50 3.46
CA VAL B 28 -16.59 6.36 3.39
C VAL B 28 -15.87 5.08 3.81
N LEU B 29 -14.62 4.95 3.41
CA LEU B 29 -13.88 3.74 3.76
C LEU B 29 -13.58 3.69 5.25
N ALA B 30 -13.45 4.84 5.90
CA ALA B 30 -13.34 4.83 7.36
C ALA B 30 -14.64 4.29 7.98
N ALA B 31 -15.79 4.72 7.46
CA ALA B 31 -17.05 4.15 7.97
C ALA B 31 -17.12 2.64 7.71
N VAL B 32 -16.74 2.21 6.51
CA VAL B 32 -16.70 0.78 6.19
C VAL B 32 -15.78 0.05 7.16
N SER B 33 -14.65 0.66 7.49
CA SER B 33 -13.70 0.06 8.43
C SER B 33 -14.30 -0.05 9.81
N SER B 34 -15.04 0.97 10.24
CA SER B 34 -15.75 0.87 11.52
C SER B 34 -16.71 -0.30 11.51
N HIS B 35 -17.38 -0.55 10.37
CA HIS B 35 -18.28 -1.70 10.29
C HIS B 35 -17.50 -3.01 10.40
N LYS B 36 -16.39 -3.12 9.66
CA LYS B 36 -15.60 -4.33 9.74
C LYS B 36 -15.14 -4.59 11.17
N PHE B 37 -14.67 -3.54 11.86
CA PHE B 37 -14.29 -3.67 13.26
C PHE B 37 -15.47 -4.14 14.10
N ASN B 38 -16.65 -3.56 13.90
CA ASN B 38 -17.79 -3.98 14.70
C ASN B 38 -18.22 -5.41 14.37
N SER B 39 -17.79 -5.94 13.23
CA SER B 39 -18.22 -7.25 12.76
C SER B 39 -17.32 -8.39 13.24
N PHE B 40 -16.19 -8.09 13.86
CA PHE B 40 -15.29 -9.12 14.37
C PHE B 40 -15.84 -9.82 15.61
N ALA C 6 5.69 3.14 13.38
CA ALA C 6 6.84 3.88 13.87
C ALA C 6 7.37 4.79 12.77
N ASP C 7 7.63 4.20 11.62
CA ASP C 7 8.05 4.92 10.42
C ASP C 7 6.86 4.92 9.45
N GLN C 8 6.36 6.12 9.16
CA GLN C 8 5.24 6.24 8.24
C GLN C 8 5.63 5.70 6.86
N LEU C 9 4.64 5.16 6.15
CA LEU C 9 4.80 4.68 4.79
C LEU C 9 4.16 5.71 3.87
N THR C 10 4.98 6.38 3.07
CA THR C 10 4.45 7.42 2.20
C THR C 10 3.81 6.83 0.95
N GLU C 11 3.02 7.68 0.27
CA GLU C 11 2.45 7.32 -1.03
C GLU C 11 3.56 6.92 -2.01
N GLU C 12 4.64 7.68 -2.04
CA GLU C 12 5.71 7.38 -2.99
C GLU C 12 6.41 6.07 -2.63
N GLN C 13 6.66 5.83 -1.35
CA GLN C 13 7.26 4.55 -0.94
C GLN C 13 6.36 3.41 -1.37
N ILE C 14 5.05 3.60 -1.26
CA ILE C 14 4.14 2.54 -1.69
C ILE C 14 4.23 2.34 -3.20
N ALA C 15 4.38 3.42 -3.96
CA ALA C 15 4.52 3.27 -5.41
C ALA C 15 5.80 2.52 -5.75
N GLU C 16 6.87 2.77 -5.01
CA GLU C 16 8.13 2.06 -5.24
C GLU C 16 7.97 0.56 -4.93
N PHE C 17 7.30 0.25 -3.82
CA PHE C 17 7.04 -1.14 -3.51
C PHE C 17 6.15 -1.79 -4.57
N LYS C 18 5.20 -1.03 -5.13
CA LYS C 18 4.34 -1.58 -6.19
C LYS C 18 5.17 -1.87 -7.44
N GLU C 19 6.10 -0.99 -7.78
CA GLU C 19 6.97 -1.28 -8.90
C GLU C 19 7.73 -2.60 -8.67
N ALA C 20 8.31 -2.76 -7.48
CA ALA C 20 9.01 -4.01 -7.17
C ALA C 20 8.05 -5.21 -7.28
N PHE C 21 6.87 -5.08 -6.68
CA PHE C 21 5.88 -6.15 -6.76
C PHE C 21 5.58 -6.52 -8.21
N SER C 22 5.46 -5.50 -9.08
CA SER C 22 5.16 -5.74 -10.48
C SER C 22 6.30 -6.44 -11.20
N LEU C 23 7.52 -6.26 -10.72
CA LEU C 23 8.64 -7.05 -11.27
C LEU C 23 8.50 -8.53 -10.95
N PHE C 24 7.89 -8.86 -9.79
CA PHE C 24 7.59 -10.29 -9.55
C PHE C 24 6.33 -10.75 -10.29
N ASP C 25 5.27 -9.95 -10.25
CA ASP C 25 3.95 -10.31 -10.81
C ASP C 25 3.94 -9.98 -12.30
N LYS C 26 4.59 -10.84 -13.07
CA LYS C 26 4.86 -10.52 -14.48
C LYS C 26 3.61 -10.66 -15.35
N ASP C 27 2.66 -11.50 -14.98
CA ASP C 27 1.42 -11.55 -15.74
C ASP C 27 0.40 -10.52 -15.26
N GLY C 28 0.76 -9.72 -14.25
CA GLY C 28 -0.07 -8.61 -13.81
C GLY C 28 -1.42 -9.00 -13.25
N ASP C 29 -1.54 -10.17 -12.62
CA ASP C 29 -2.81 -10.59 -12.06
C ASP C 29 -2.96 -10.26 -10.58
N GLY C 30 -2.03 -9.51 -10.01
CA GLY C 30 -2.11 -9.08 -8.62
C GLY C 30 -1.58 -10.06 -7.59
N THR C 31 -1.01 -11.18 -8.02
CA THR C 31 -0.48 -12.16 -7.08
C THR C 31 0.87 -12.65 -7.59
N ILE C 32 1.73 -13.04 -6.65
CA ILE C 32 3.00 -13.69 -6.98
C ILE C 32 2.87 -15.17 -6.70
N THR C 33 3.12 -15.99 -7.72
CA THR C 33 3.10 -17.45 -7.58
C THR C 33 4.50 -17.98 -7.33
N THR C 34 4.58 -19.26 -6.96
CA THR C 34 5.90 -19.87 -6.82
C THR C 34 6.68 -19.76 -8.12
N LYS C 35 6.00 -19.93 -9.25
CA LYS C 35 6.66 -19.85 -10.55
C LYS C 35 7.21 -18.45 -10.83
N GLU C 36 6.43 -17.40 -10.56
CA GLU C 36 6.95 -16.06 -10.80
C GLU C 36 8.11 -15.74 -9.88
N LEU C 37 8.01 -16.18 -8.61
CA LEU C 37 9.13 -15.99 -7.70
C LEU C 37 10.37 -16.70 -8.24
N GLY C 38 10.22 -17.93 -8.72
CA GLY C 38 11.35 -18.65 -9.26
C GLY C 38 11.99 -17.92 -10.42
N THR C 39 11.16 -17.41 -11.33
CA THR C 39 11.67 -16.63 -12.46
C THR C 39 12.52 -15.46 -11.98
N VAL C 40 11.98 -14.67 -11.04
CA VAL C 40 12.74 -13.48 -10.60
C VAL C 40 14.01 -13.88 -9.88
N MET C 41 13.93 -14.83 -8.96
CA MET C 41 15.14 -15.17 -8.21
C MET C 41 16.22 -15.75 -9.11
N ARG C 42 15.86 -16.56 -10.11
CA ARG C 42 16.88 -17.03 -11.06
C ARG C 42 17.45 -15.88 -11.87
N SER C 43 16.61 -14.94 -12.27
CA SER C 43 17.11 -13.79 -13.02
C SER C 43 18.05 -12.93 -12.18
N LEU C 44 17.97 -13.00 -10.86
CA LEU C 44 18.85 -12.27 -9.98
C LEU C 44 19.99 -13.13 -9.45
N GLY C 45 20.20 -14.31 -10.03
CA GLY C 45 21.37 -15.11 -9.75
C GLY C 45 21.21 -16.17 -8.69
N GLN C 46 19.99 -16.49 -8.29
CA GLN C 46 19.75 -17.56 -7.34
C GLN C 46 19.16 -18.75 -8.09
N ASN C 47 19.12 -19.90 -7.44
CA ASN C 47 18.57 -21.11 -8.07
C ASN C 47 17.81 -21.92 -7.03
N PRO C 48 16.72 -21.37 -6.50
CA PRO C 48 15.94 -22.13 -5.52
C PRO C 48 15.18 -23.27 -6.19
N THR C 49 15.08 -24.38 -5.46
CA THR C 49 14.26 -25.50 -5.90
C THR C 49 12.78 -25.13 -5.75
N GLU C 50 11.91 -25.95 -6.35
CA GLU C 50 10.48 -25.68 -6.22
C GLU C 50 10.01 -25.85 -4.78
N ALA C 51 10.58 -26.81 -4.05
CA ALA C 51 10.24 -26.94 -2.64
C ALA C 51 10.64 -25.68 -1.86
N GLU C 52 11.84 -25.15 -2.13
CA GLU C 52 12.26 -23.92 -1.48
C GLU C 52 11.34 -22.75 -1.84
N LEU C 53 10.96 -22.66 -3.12
CA LEU C 53 10.05 -21.60 -3.54
C LEU C 53 8.69 -21.73 -2.86
N GLN C 54 8.19 -22.96 -2.75
CA GLN C 54 6.91 -23.14 -2.08
C GLN C 54 7.01 -22.70 -0.62
N ASP C 55 8.13 -23.00 0.03
CA ASP C 55 8.29 -22.58 1.41
C ASP C 55 8.34 -21.06 1.52
N MET C 56 9.05 -20.38 0.61
CA MET C 56 9.18 -18.92 0.64
C MET C 56 7.82 -18.26 0.46
N ILE C 57 7.06 -18.73 -0.53
CA ILE C 57 5.70 -18.22 -0.74
C ILE C 57 4.86 -18.43 0.51
N ASN C 58 4.91 -19.65 1.06
CA ASN C 58 4.07 -19.98 2.20
C ASN C 58 4.39 -19.09 3.40
N GLU C 59 5.66 -18.77 3.60
CA GLU C 59 6.04 -17.91 4.71
C GLU C 59 5.42 -16.52 4.59
N VAL C 60 5.35 -15.99 3.36
CA VAL C 60 4.82 -14.63 3.22
C VAL C 60 3.32 -14.59 3.00
N ASP C 61 2.71 -15.72 2.62
CA ASP C 61 1.31 -15.86 2.28
C ASP C 61 0.48 -15.86 3.57
N ALA C 62 0.15 -14.66 4.07
CA ALA C 62 -0.52 -14.54 5.37
C ALA C 62 -1.88 -15.21 5.40
N ASP C 63 -2.63 -15.13 4.30
CA ASP C 63 -3.98 -15.70 4.31
C ASP C 63 -4.04 -17.12 3.77
N GLY C 64 -2.89 -17.70 3.39
CA GLY C 64 -2.86 -19.12 3.08
C GLY C 64 -3.54 -19.52 1.79
N ASN C 65 -3.79 -18.58 0.88
CA ASN C 65 -4.49 -18.92 -0.34
C ASN C 65 -3.57 -19.37 -1.45
N GLY C 66 -2.25 -19.46 -1.20
CA GLY C 66 -1.31 -20.03 -2.13
C GLY C 66 -0.46 -19.04 -2.90
N THR C 67 -0.78 -17.75 -2.85
CA THR C 67 -0.02 -16.73 -3.56
C THR C 67 0.20 -15.53 -2.65
N ILE C 68 1.07 -14.62 -3.08
CA ILE C 68 1.38 -13.40 -2.35
C ILE C 68 0.70 -12.25 -3.06
N ASP C 69 -0.21 -11.57 -2.38
CA ASP C 69 -0.81 -10.38 -2.96
C ASP C 69 -0.06 -9.12 -2.49
N PHE C 70 -0.48 -7.94 -3.00
CA PHE C 70 0.33 -6.79 -2.65
C PHE C 70 0.32 -6.45 -1.16
N PRO C 71 -0.80 -6.55 -0.43
CA PRO C 71 -0.72 -6.29 1.03
C PRO C 71 0.27 -7.22 1.74
N GLU C 72 0.33 -8.49 1.32
CA GLU C 72 1.29 -9.44 1.89
C GLU C 72 2.72 -9.04 1.55
N PHE C 73 2.95 -8.65 0.28
CA PHE C 73 4.27 -8.20 -0.15
C PHE C 73 4.69 -6.95 0.62
N LEU C 74 3.78 -6.00 0.77
CA LEU C 74 4.06 -4.78 1.50
C LEU C 74 4.38 -5.07 2.95
N THR C 75 3.60 -5.96 3.58
CA THR C 75 3.90 -6.37 4.94
C THR C 75 5.33 -6.91 5.04
N MET C 76 5.70 -7.78 4.11
CA MET C 76 7.05 -8.33 4.11
C MET C 76 8.11 -7.23 3.94
N MET C 77 7.93 -6.37 2.95
CA MET C 77 8.95 -5.40 2.57
C MET C 77 9.03 -4.20 3.50
N ALA C 78 7.94 -3.83 4.15
CA ALA C 78 7.96 -2.65 5.01
C ALA C 78 8.30 -3.01 6.45
N ARG C 79 8.55 -4.28 6.74
CA ARG C 79 8.84 -4.73 8.09
C ARG C 79 10.07 -4.04 8.65
N LYS C 80 9.96 -3.57 9.89
CA LYS C 80 11.08 -2.91 10.57
C LYS C 80 12.23 -3.88 10.75
N MET C 81 13.43 -3.46 10.35
CA MET C 81 14.62 -4.32 10.39
C MET C 81 15.67 -3.76 11.36
N LYS C 82 16.47 -4.67 11.91
CA LYS C 82 17.65 -4.20 12.66
C LYS C 82 18.68 -3.77 11.61
N ASP C 83 19.64 -2.93 11.99
CA ASP C 83 20.64 -2.40 11.04
C ASP C 83 21.49 -3.46 10.33
N THR C 84 21.99 -4.45 11.05
CA THR C 84 22.88 -5.42 10.38
C THR C 84 22.10 -6.02 9.22
N ASP C 85 20.84 -6.35 9.47
CA ASP C 85 19.98 -6.96 8.44
C ASP C 85 19.73 -5.96 7.30
N SER C 86 19.57 -4.69 7.63
CA SER C 86 19.23 -3.67 6.60
C SER C 86 20.44 -3.38 5.74
N GLU C 87 21.60 -3.20 6.39
CA GLU C 87 22.87 -2.93 5.69
C GLU C 87 23.25 -4.16 4.88
N GLU C 88 23.10 -5.34 5.47
CA GLU C 88 23.34 -6.56 4.67
C GLU C 88 22.36 -6.58 3.50
N GLU C 89 21.07 -6.28 3.75
CA GLU C 89 20.17 -6.30 2.61
C GLU C 89 20.62 -5.34 1.52
N ILE C 90 20.95 -4.11 1.91
CA ILE C 90 21.28 -3.10 0.90
C ILE C 90 22.60 -3.43 0.23
N ARG C 91 23.57 -3.95 0.99
CA ARG C 91 24.86 -4.34 0.41
C ARG C 91 24.67 -5.49 -0.58
N GLU C 92 23.83 -6.48 -0.22
CA GLU C 92 23.59 -7.60 -1.13
C GLU C 92 22.88 -7.14 -2.40
N ALA C 93 21.91 -6.21 -2.27
CA ALA C 93 21.28 -5.68 -3.47
C ALA C 93 22.30 -4.96 -4.36
N PHE C 94 23.17 -4.16 -3.72
CA PHE C 94 24.23 -3.48 -4.46
C PHE C 94 25.08 -4.48 -5.24
N ARG C 95 25.47 -5.57 -4.59
CA ARG C 95 26.30 -6.59 -5.26
C ARG C 95 25.56 -7.26 -6.41
N VAL C 96 24.23 -7.37 -6.33
CA VAL C 96 23.46 -7.85 -7.48
C VAL C 96 23.70 -6.95 -8.69
N PHE C 97 23.75 -5.64 -8.47
CA PHE C 97 23.97 -4.76 -9.63
C PHE C 97 25.44 -4.65 -10.02
N ASP C 98 26.33 -4.56 -9.04
CA ASP C 98 27.77 -4.34 -9.28
C ASP C 98 28.47 -5.68 -9.53
N LYS C 99 28.22 -6.25 -10.71
CA LYS C 99 28.63 -7.63 -10.96
C LYS C 99 30.15 -7.81 -11.00
N ASP C 100 30.90 -6.80 -11.47
CA ASP C 100 32.36 -6.96 -11.52
C ASP C 100 33.01 -6.58 -10.20
N GLY C 101 32.22 -6.17 -9.22
CA GLY C 101 32.74 -5.96 -7.88
C GLY C 101 33.64 -4.75 -7.70
N ASN C 102 33.64 -3.81 -8.65
CA ASN C 102 34.55 -2.67 -8.51
C ASN C 102 33.97 -1.52 -7.70
N GLY C 103 32.76 -1.67 -7.15
CA GLY C 103 32.17 -0.66 -6.28
C GLY C 103 31.40 0.42 -6.99
N TYR C 104 31.26 0.32 -8.30
CA TYR C 104 30.57 1.32 -9.10
C TYR C 104 29.60 0.60 -10.01
N ILE C 105 28.32 0.95 -9.93
CA ILE C 105 27.34 0.44 -10.88
C ILE C 105 27.42 1.29 -12.15
N SER C 106 27.85 0.68 -13.25
CA SER C 106 27.85 1.38 -14.52
C SER C 106 26.46 1.32 -15.16
N ALA C 107 26.27 2.16 -16.17
CA ALA C 107 25.05 2.10 -16.98
C ALA C 107 24.88 0.74 -17.62
N ALA C 108 25.97 0.15 -18.10
CA ALA C 108 25.89 -1.19 -18.66
C ALA C 108 25.41 -2.22 -17.61
N GLU C 109 25.91 -2.12 -16.37
CA GLU C 109 25.52 -3.07 -15.35
C GLU C 109 24.05 -2.92 -15.00
N LEU C 110 23.58 -1.68 -14.90
CA LEU C 110 22.17 -1.45 -14.60
C LEU C 110 21.32 -1.99 -15.72
N ARG C 111 21.74 -1.73 -16.97
CA ARG C 111 21.01 -2.23 -18.13
C ARG C 111 20.91 -3.74 -18.11
N HIS C 112 21.99 -4.40 -17.71
CA HIS C 112 22.03 -5.86 -17.63
C HIS C 112 20.98 -6.36 -16.64
N VAL C 113 20.96 -5.79 -15.43
CA VAL C 113 19.98 -6.26 -14.45
C VAL C 113 18.55 -5.99 -14.92
N MET C 114 18.31 -4.80 -15.48
CA MET C 114 16.96 -4.48 -15.92
C MET C 114 16.52 -5.41 -17.05
N THR C 115 17.44 -5.77 -17.95
CA THR C 115 17.12 -6.72 -19.00
C THR C 115 16.81 -8.09 -18.39
N ASN C 116 17.61 -8.53 -17.41
CA ASN C 116 17.35 -9.81 -16.76
C ASN C 116 15.98 -9.84 -16.10
N LEU C 117 15.53 -8.70 -15.58
CA LEU C 117 14.23 -8.61 -14.94
C LEU C 117 13.09 -8.53 -15.94
N GLY C 118 13.40 -8.45 -17.23
CA GLY C 118 12.36 -8.41 -18.24
C GLY C 118 11.89 -7.04 -18.65
N GLU C 119 12.61 -5.98 -18.27
CA GLU C 119 12.20 -4.61 -18.55
C GLU C 119 12.91 -4.07 -19.80
N LYS C 120 12.14 -3.47 -20.69
CA LYS C 120 12.64 -2.95 -21.96
C LYS C 120 12.82 -1.44 -21.81
N LEU C 121 14.07 -1.01 -21.74
CA LEU C 121 14.41 0.39 -21.53
C LEU C 121 15.29 0.91 -22.66
N THR C 122 15.11 2.18 -22.99
CA THR C 122 16.05 2.79 -23.92
C THR C 122 17.34 3.13 -23.19
N ASP C 123 18.41 3.35 -23.95
CA ASP C 123 19.63 3.83 -23.35
C ASP C 123 19.40 5.12 -22.58
N GLU C 124 18.54 5.99 -23.11
CA GLU C 124 18.27 7.25 -22.43
C GLU C 124 17.62 7.01 -21.08
N GLU C 125 16.71 6.04 -21.02
CA GLU C 125 16.04 5.76 -19.75
C GLU C 125 17.01 5.17 -18.73
N VAL C 126 17.91 4.29 -19.18
CA VAL C 126 18.92 3.76 -18.27
C VAL C 126 19.79 4.90 -17.73
N ASP C 127 20.20 5.81 -18.62
CA ASP C 127 21.02 6.94 -18.19
C ASP C 127 20.27 7.82 -17.21
N GLU C 128 18.96 8.00 -17.43
CA GLU C 128 18.16 8.82 -16.52
C GLU C 128 18.07 8.18 -15.14
N MET C 129 17.94 6.84 -15.11
CA MET C 129 17.96 6.11 -13.85
C MET C 129 19.29 6.29 -13.12
N ILE C 130 20.41 6.12 -13.84
CA ILE C 130 21.71 6.38 -13.24
C ILE C 130 21.75 7.79 -12.67
N ARG C 131 21.30 8.75 -13.46
CA ARG C 131 21.34 10.15 -13.05
C ARG C 131 20.58 10.37 -11.75
N GLU C 132 19.48 9.65 -11.57
CA GLU C 132 18.70 9.79 -10.32
C GLU C 132 19.56 9.56 -9.09
N ALA C 133 20.49 8.60 -9.14
CA ALA C 133 21.30 8.28 -7.97
C ALA C 133 22.70 8.87 -8.01
N ASP C 134 23.14 9.36 -9.16
CA ASP C 134 24.56 9.69 -9.40
C ASP C 134 24.83 11.11 -8.93
N ILE C 135 25.18 11.23 -7.66
CA ILE C 135 25.32 12.55 -7.03
C ILE C 135 26.59 13.23 -7.52
N ASP C 136 27.72 12.51 -7.52
CA ASP C 136 28.98 13.12 -7.92
C ASP C 136 29.11 13.30 -9.43
N GLY C 137 28.21 12.74 -10.22
CA GLY C 137 28.20 13.01 -11.64
C GLY C 137 29.18 12.19 -12.46
N ASP C 138 29.73 11.10 -11.92
CA ASP C 138 30.69 10.33 -12.69
C ASP C 138 30.03 9.34 -13.65
N GLY C 139 28.71 9.38 -13.78
CA GLY C 139 28.01 8.47 -14.67
C GLY C 139 27.79 7.08 -14.10
N GLN C 140 28.06 6.89 -12.82
CA GLN C 140 27.97 5.59 -12.17
C GLN C 140 27.35 5.79 -10.79
N VAL C 141 26.94 4.68 -10.18
CA VAL C 141 26.38 4.73 -8.83
C VAL C 141 27.30 3.95 -7.91
N ASN C 142 27.99 4.66 -7.01
CA ASN C 142 28.81 3.96 -6.03
C ASN C 142 27.94 3.60 -4.81
N TYR C 143 28.57 2.95 -3.83
CA TYR C 143 27.78 2.44 -2.72
C TYR C 143 27.18 3.57 -1.89
N GLU C 144 27.94 4.63 -1.64
CA GLU C 144 27.41 5.76 -0.88
C GLU C 144 26.15 6.32 -1.55
N GLU C 145 26.19 6.46 -2.88
CA GLU C 145 25.05 6.99 -3.62
C GLU C 145 23.89 6.00 -3.61
N PHE C 146 24.19 4.70 -3.73
CA PHE C 146 23.17 3.66 -3.64
C PHE C 146 22.42 3.74 -2.31
N VAL C 147 23.18 3.83 -1.22
CA VAL C 147 22.60 3.88 0.12
C VAL C 147 21.76 5.14 0.29
N GLN C 148 22.32 6.29 -0.10
CA GLN C 148 21.59 7.53 0.06
C GLN C 148 20.30 7.52 -0.74
N MET C 149 20.30 6.84 -1.88
CA MET C 149 19.06 6.72 -2.63
C MET C 149 18.06 5.81 -1.91
N MET C 150 18.53 4.69 -1.36
CA MET C 150 17.61 3.72 -0.78
C MET C 150 17.11 4.10 0.61
N THR C 151 17.79 5.03 1.29
CA THR C 151 17.31 5.49 2.59
C THR C 151 16.92 6.96 2.46
N ALA C 152 15.92 7.25 1.64
CA ALA C 152 15.52 8.62 1.38
C ALA C 152 14.01 8.82 1.54
N ARG D 16 3.73 8.58 -22.76
CA ARG D 16 4.36 7.78 -21.71
C ARG D 16 4.45 8.54 -20.39
N LYS D 17 4.88 7.83 -19.35
CA LYS D 17 5.09 8.41 -18.03
C LYS D 17 6.17 7.61 -17.30
N PHE D 18 7.34 7.47 -17.94
CA PHE D 18 8.46 6.77 -17.33
C PHE D 18 8.95 7.55 -16.12
N ASN D 19 9.04 6.88 -14.98
CA ASN D 19 9.49 7.44 -13.71
C ASN D 19 10.84 6.82 -13.36
N ALA D 20 11.93 7.50 -13.69
CA ALA D 20 13.26 6.87 -13.56
C ALA D 20 13.57 6.52 -12.11
N ARG D 21 13.25 7.40 -11.15
CA ARG D 21 13.57 7.09 -9.77
C ARG D 21 12.74 5.92 -9.26
N ARG D 22 11.44 5.90 -9.57
CA ARG D 22 10.60 4.79 -9.18
C ARG D 22 11.05 3.49 -9.83
N LYS D 23 11.48 3.55 -11.09
CA LYS D 23 11.99 2.35 -11.77
C LYS D 23 13.23 1.79 -11.08
N LEU D 24 14.19 2.68 -10.78
CA LEU D 24 15.43 2.25 -10.16
C LEU D 24 15.18 1.73 -8.75
N LYS D 25 14.41 2.48 -7.95
CA LYS D 25 14.17 2.02 -6.58
C LYS D 25 13.37 0.73 -6.58
N GLY D 26 12.43 0.58 -7.52
CA GLY D 26 11.68 -0.67 -7.60
C GLY D 26 12.55 -1.86 -7.93
N ALA D 27 13.50 -1.68 -8.85
CA ALA D 27 14.42 -2.78 -9.15
C ALA D 27 15.28 -3.11 -7.94
N VAL D 28 15.77 -2.09 -7.24
CA VAL D 28 16.60 -2.38 -6.08
C VAL D 28 15.78 -3.11 -5.02
N LEU D 29 14.53 -2.69 -4.84
CA LEU D 29 13.71 -3.36 -3.84
C LEU D 29 13.37 -4.78 -4.25
N ALA D 30 13.28 -5.07 -5.54
CA ALA D 30 13.12 -6.45 -5.97
C ALA D 30 14.33 -7.28 -5.58
N ALA D 31 15.54 -6.72 -5.76
CA ALA D 31 16.74 -7.42 -5.28
C ALA D 31 16.71 -7.63 -3.77
N VAL D 32 16.31 -6.60 -3.04
CA VAL D 32 16.17 -6.70 -1.58
C VAL D 32 15.17 -7.78 -1.21
N SER D 33 14.06 -7.86 -1.94
CA SER D 33 13.04 -8.86 -1.68
C SER D 33 13.57 -10.26 -1.94
N SER D 34 14.31 -10.43 -3.04
CA SER D 34 14.94 -11.74 -3.29
C SER D 34 15.85 -12.13 -2.15
N HIS D 35 16.59 -11.17 -1.60
CA HIS D 35 17.45 -11.47 -0.46
C HIS D 35 16.62 -11.89 0.75
N LYS D 36 15.54 -11.15 1.02
CA LYS D 36 14.68 -11.50 2.15
C LYS D 36 14.12 -12.91 1.99
N PHE D 37 13.64 -13.24 0.79
CA PHE D 37 13.14 -14.59 0.52
C PHE D 37 14.21 -15.63 0.78
N ASN D 38 15.42 -15.39 0.27
CA ASN D 38 16.49 -16.36 0.44
C ASN D 38 16.93 -16.50 1.89
N SER D 39 16.65 -15.50 2.72
CA SER D 39 17.14 -15.49 4.08
C SER D 39 16.19 -16.17 5.08
N PHE D 40 15.00 -16.59 4.65
CA PHE D 40 14.12 -17.27 5.60
C PHE D 40 14.76 -18.56 6.11
N TYR D 41 15.38 -19.32 5.22
CA TYR D 41 15.97 -20.62 5.56
C TYR D 41 17.40 -20.70 5.02
N GLY D 42 18.29 -21.27 5.83
CA GLY D 42 19.67 -21.51 5.41
C GLY D 42 19.82 -22.45 4.22
CA CA E . -30.52 12.55 4.42
CA CA F . 0.84 -4.36 14.44
CA CA G . -27.76 12.83 -6.59
CA CA H . -1.64 6.89 16.01
CA CA I . 28.45 8.60 -9.04
CA CA J . 30.85 -2.31 -11.41
CA CA K . 1.01 -13.10 -11.07
CA CA L . -2.11 -14.76 -0.04
#